data_2X3B
#
_entry.id   2X3B
#
_cell.length_a   57.855
_cell.length_b   60.196
_cell.length_c   183.612
_cell.angle_alpha   90.00
_cell.angle_beta   90.00
_cell.angle_gamma   90.00
#
_symmetry.space_group_name_H-M   'P 21 21 21'
#
loop_
_entity.id
_entity.type
_entity.pdbx_description
1 polymer 'TOXIC EXTRACELLULAR ENDOPEPTIDASE'
2 non-polymer 'ZINC ION'
3 water water
#
_entity_poly.entity_id   1
_entity_poly.type   'polypeptide(L)'
_entity_poly.pdbx_seq_one_letter_code
;MMKVTPIALLLAGVLASPLCAAGLDAQLTLVDGSTDDVRVNLTLTNTGDKPIRLLKWQLPGSDDAPLFLVERDGQPVSYE
GALIKRAAPTDKDFQLLKAGQSLTVQAEVSGLYDMSAQGQYSIRYQLPARRKRPRAKQAQASESNAITLWVEGVNDERVQ
AKVAAAEPQAVAGSVSFSGRCTNTQKSDLLTALDAASGISNNASSYLAVDKPDGQRYRSWFGAYSSARWDQAETNFSKIK
DAIDNKPLTFDCSCKQSYFAYVYPDQPYKVYLCKSFWTAPVTGSDSRAGTIVHALSHFNVVAGTDDLGYGQANARNLAKT
DPVKALNNADNHEYFAENTPSEN
;
_entity_poly.pdbx_strand_id   A,B
#
loop_
_chem_comp.id
_chem_comp.type
_chem_comp.name
_chem_comp.formula
ZN non-polymer 'ZINC ION' 'Zn 2'
#
# COMPACT_ATOMS: atom_id res chain seq x y z
N GLY A 23 -11.31 1.18 -39.28
CA GLY A 23 -10.42 1.46 -38.12
C GLY A 23 -11.04 1.12 -36.79
N LEU A 24 -10.69 1.88 -35.76
CA LEU A 24 -11.20 1.64 -34.41
C LEU A 24 -12.26 2.66 -34.00
N ASP A 25 -13.43 2.16 -33.61
CA ASP A 25 -14.53 3.02 -33.23
C ASP A 25 -14.74 2.96 -31.73
N ALA A 26 -14.86 4.14 -31.11
CA ALA A 26 -15.01 4.28 -29.66
C ALA A 26 -16.13 5.23 -29.30
N GLN A 27 -16.91 4.84 -28.29
CA GLN A 27 -17.91 5.74 -27.74
C GLN A 27 -17.83 5.68 -26.22
N LEU A 28 -17.69 6.86 -25.61
CA LEU A 28 -17.66 6.98 -24.16
C LEU A 28 -18.97 7.63 -23.69
N THR A 29 -19.60 6.99 -22.71
CA THR A 29 -20.88 7.47 -22.19
C THR A 29 -20.87 7.42 -20.66
N LEU A 30 -21.70 8.25 -20.06
CA LEU A 30 -21.82 8.31 -18.62
C LEU A 30 -22.91 7.34 -18.15
N VAL A 31 -22.55 6.50 -17.19
CA VAL A 31 -23.50 5.60 -16.57
C VAL A 31 -24.34 6.38 -15.56
N ASP A 32 -25.65 6.31 -15.74
CA ASP A 32 -26.60 6.92 -14.82
C ASP A 32 -26.65 6.15 -13.51
N GLY A 33 -26.83 6.88 -12.40
CA GLY A 33 -26.93 6.28 -11.08
C GLY A 33 -27.26 7.31 -10.02
N SER A 34 -27.76 6.84 -8.87
CA SER A 34 -28.07 7.71 -7.74
C SER A 34 -26.86 7.86 -6.80
N THR A 35 -25.68 8.02 -7.41
CA THR A 35 -24.42 8.12 -6.67
C THR A 35 -23.59 9.31 -7.15
N ASP A 36 -22.61 9.68 -6.35
CA ASP A 36 -21.67 10.76 -6.67
C ASP A 36 -20.51 10.20 -7.49
N ASP A 37 -20.52 8.88 -7.68
CA ASP A 37 -19.55 8.17 -8.52
C ASP A 37 -19.59 8.68 -9.95
N VAL A 38 -18.44 8.65 -10.61
CA VAL A 38 -18.35 8.97 -12.02
C VAL A 38 -17.97 7.71 -12.78
N ARG A 39 -18.97 6.87 -13.05
CA ARG A 39 -18.72 5.64 -13.78
C ARG A 39 -18.97 5.84 -15.26
N VAL A 40 -17.98 5.47 -16.07
CA VAL A 40 -18.08 5.64 -17.52
C VAL A 40 -18.21 4.29 -18.21
N ASN A 41 -18.81 4.30 -19.39
CA ASN A 41 -18.97 3.10 -20.20
C ASN A 41 -18.29 3.31 -21.53
N LEU A 42 -17.41 2.40 -21.89
CA LEU A 42 -16.70 2.47 -23.17
C LEU A 42 -17.10 1.32 -24.08
N THR A 43 -17.39 1.65 -25.33
CA THR A 43 -17.63 0.64 -26.35
C THR A 43 -16.65 0.82 -27.50
N LEU A 44 -15.79 -0.17 -27.68
CA LEU A 44 -14.77 -0.18 -28.72
C LEU A 44 -15.18 -1.20 -29.77
N THR A 45 -15.34 -0.75 -31.02
CA THR A 45 -15.76 -1.61 -32.10
C THR A 45 -14.78 -1.55 -33.27
N ASN A 46 -14.45 -2.73 -33.80
CA ASN A 46 -13.66 -2.86 -35.01
C ASN A 46 -14.60 -2.83 -36.21
N THR A 47 -14.68 -1.67 -36.86
CA THR A 47 -15.54 -1.49 -38.03
C THR A 47 -14.79 -1.83 -39.31
N GLY A 48 -13.47 -2.04 -39.17
CA GLY A 48 -12.58 -2.23 -40.31
C GLY A 48 -12.63 -3.60 -40.96
N ASP A 49 -11.75 -3.78 -41.95
CA ASP A 49 -11.74 -4.96 -42.81
C ASP A 49 -10.93 -6.10 -42.22
N LYS A 50 -10.03 -5.78 -41.30
CA LYS A 50 -9.11 -6.77 -40.71
C LYS A 50 -9.17 -6.77 -39.19
N PRO A 51 -8.65 -7.83 -38.54
CA PRO A 51 -8.56 -7.84 -37.08
C PRO A 51 -7.56 -6.79 -36.56
N ILE A 52 -7.80 -6.30 -35.34
CA ILE A 52 -6.91 -5.33 -34.70
C ILE A 52 -6.57 -5.72 -33.25
N ARG A 53 -5.30 -5.55 -32.89
CA ARG A 53 -4.82 -5.88 -31.55
C ARG A 53 -4.67 -4.62 -30.70
N LEU A 54 -5.27 -4.62 -29.51
CA LEU A 54 -5.25 -3.48 -28.61
C LEU A 54 -4.47 -3.80 -27.32
N LEU A 55 -3.61 -2.87 -26.92
CA LEU A 55 -2.80 -3.02 -25.71
C LEU A 55 -3.67 -3.15 -24.47
N LYS A 56 -3.56 -4.29 -23.78
CA LYS A 56 -4.46 -4.62 -22.67
C LYS A 56 -4.42 -3.64 -21.51
N TRP A 57 -3.23 -3.20 -21.11
N TRP A 57 -3.23 -3.20 -21.12
CA TRP A 57 -3.13 -2.24 -20.01
CA TRP A 57 -3.12 -2.24 -20.03
C TRP A 57 -3.53 -0.83 -20.42
C TRP A 57 -3.54 -0.83 -20.43
N GLN A 58 -3.80 -0.64 -21.72
CA GLN A 58 -4.38 0.62 -22.23
C GLN A 58 -5.90 0.54 -22.39
N LEU A 59 -6.51 -0.55 -21.92
CA LEU A 59 -7.97 -0.65 -21.88
C LEU A 59 -8.46 -0.52 -20.44
N PRO A 60 -9.50 0.31 -20.21
CA PRO A 60 -9.88 0.63 -18.84
C PRO A 60 -10.54 -0.55 -18.14
N GLY A 61 -9.85 -1.09 -17.15
CA GLY A 61 -10.38 -2.17 -16.34
C GLY A 61 -10.33 -1.85 -14.86
N SER A 62 -9.93 -2.84 -14.07
CA SER A 62 -9.87 -2.73 -12.62
C SER A 62 -8.46 -2.37 -12.12
N ASP A 63 -7.44 -2.63 -12.94
CA ASP A 63 -6.06 -2.25 -12.59
C ASP A 63 -5.85 -0.75 -12.84
N ASP A 64 -4.75 -0.20 -12.31
CA ASP A 64 -4.47 1.22 -12.42
C ASP A 64 -3.73 1.59 -13.69
N ALA A 65 -4.26 2.58 -14.40
CA ALA A 65 -3.64 3.13 -15.59
C ALA A 65 -4.23 4.52 -15.83
N PRO A 66 -3.41 5.48 -16.30
CA PRO A 66 -3.88 6.84 -16.54
C PRO A 66 -4.54 7.00 -17.92
N LEU A 67 -5.69 6.35 -18.10
CA LEU A 67 -6.35 6.25 -19.41
C LEU A 67 -7.35 7.35 -19.72
N PHE A 68 -7.48 8.32 -18.82
CA PHE A 68 -8.45 9.39 -18.99
C PHE A 68 -7.78 10.74 -18.91
N LEU A 69 -8.36 11.70 -19.63
CA LEU A 69 -8.00 13.09 -19.50
C LEU A 69 -9.19 13.75 -18.84
N VAL A 70 -8.99 14.15 -17.59
CA VAL A 70 -10.03 14.77 -16.78
C VAL A 70 -9.68 16.22 -16.55
N GLU A 71 -10.68 17.09 -16.74
CA GLU A 71 -10.52 18.52 -16.53
C GLU A 71 -11.64 19.03 -15.63
N ARG A 72 -11.30 19.98 -14.77
CA ARG A 72 -12.28 20.71 -13.96
C ARG A 72 -12.25 22.16 -14.38
N ASP A 73 -13.38 22.66 -14.86
CA ASP A 73 -13.47 24.02 -15.43
C ASP A 73 -12.36 24.29 -16.47
N GLY A 74 -12.08 23.28 -17.30
CA GLY A 74 -11.08 23.38 -18.36
C GLY A 74 -9.63 23.16 -17.94
N GLN A 75 -9.42 22.98 -16.63
CA GLN A 75 -8.08 22.77 -16.09
C GLN A 75 -7.90 21.29 -15.81
N PRO A 76 -6.76 20.71 -16.25
CA PRO A 76 -6.47 19.28 -16.08
C PRO A 76 -6.38 18.83 -14.62
N VAL A 77 -6.95 17.66 -14.35
CA VAL A 77 -6.95 17.06 -13.02
C VAL A 77 -5.95 15.90 -13.03
N SER A 78 -5.01 15.94 -12.09
CA SER A 78 -3.91 14.98 -12.03
C SER A 78 -4.35 13.55 -11.75
N TYR A 79 -3.69 12.62 -12.43
CA TYR A 79 -3.84 11.20 -12.17
C TYR A 79 -3.25 10.84 -10.81
N GLU A 80 -3.91 9.93 -10.10
CA GLU A 80 -3.48 9.54 -8.76
C GLU A 80 -3.12 8.07 -8.66
N GLY A 81 -3.60 7.26 -9.62
CA GLY A 81 -3.39 5.82 -9.59
C GLY A 81 -1.92 5.46 -9.72
N ALA A 82 -1.63 4.17 -9.68
CA ALA A 82 -0.27 3.69 -9.83
C ALA A 82 0.31 3.98 -11.22
N LEU A 83 1.61 4.26 -11.24
CA LEU A 83 2.38 4.26 -12.48
C LEU A 83 3.33 3.08 -12.38
N ILE A 84 3.45 2.32 -13.46
CA ILE A 84 4.07 1.00 -13.41
C ILE A 84 5.22 0.86 -14.40
N LYS A 85 6.36 0.36 -13.94
CA LYS A 85 7.42 -0.01 -14.88
C LYS A 85 7.20 -1.44 -15.40
N ARG A 86 6.85 -1.55 -16.67
CA ARG A 86 6.68 -2.85 -17.34
C ARG A 86 7.73 -2.99 -18.44
N ALA A 87 7.98 -4.23 -18.85
CA ALA A 87 8.78 -4.51 -20.03
C ALA A 87 8.01 -4.12 -21.29
N ALA A 88 8.73 -3.95 -22.40
CA ALA A 88 8.10 -3.66 -23.69
C ALA A 88 6.99 -4.68 -23.98
N PRO A 89 5.83 -4.19 -24.45
CA PRO A 89 4.69 -5.06 -24.74
C PRO A 89 5.01 -6.14 -25.77
N THR A 90 4.82 -7.39 -25.37
CA THR A 90 4.94 -8.54 -26.26
C THR A 90 3.55 -8.97 -26.72
N ASP A 91 3.49 -9.97 -27.59
CA ASP A 91 2.24 -10.50 -28.16
C ASP A 91 1.13 -10.72 -27.11
N LYS A 92 1.49 -11.41 -26.04
CA LYS A 92 0.62 -11.74 -24.91
C LYS A 92 -0.14 -10.53 -24.34
N ASP A 93 0.41 -9.34 -24.51
CA ASP A 93 -0.13 -8.12 -23.89
C ASP A 93 -1.25 -7.47 -24.70
N PHE A 94 -1.64 -8.09 -25.81
CA PHE A 94 -2.59 -7.50 -26.74
C PHE A 94 -3.93 -8.25 -26.81
N GLN A 95 -5.00 -7.47 -26.77
CA GLN A 95 -6.36 -7.96 -26.86
C GLN A 95 -6.80 -7.94 -28.31
N LEU A 96 -7.36 -9.06 -28.77
CA LEU A 96 -7.81 -9.20 -30.16
C LEU A 96 -9.22 -8.62 -30.33
N LEU A 97 -9.41 -7.86 -31.40
CA LEU A 97 -10.74 -7.49 -31.87
C LEU A 97 -10.87 -7.91 -33.32
N LYS A 98 -11.75 -8.88 -33.57
CA LYS A 98 -12.02 -9.37 -34.92
C LYS A 98 -12.89 -8.38 -35.71
N ALA A 99 -12.98 -8.59 -37.02
CA ALA A 99 -13.82 -7.79 -37.90
C ALA A 99 -15.28 -7.80 -37.42
N GLY A 100 -15.76 -6.64 -36.99
CA GLY A 100 -17.13 -6.50 -36.50
C GLY A 100 -17.27 -6.72 -35.00
N GLN A 101 -16.21 -7.19 -34.36
CA GLN A 101 -16.22 -7.45 -32.92
C GLN A 101 -16.11 -6.15 -32.12
N SER A 102 -16.79 -6.12 -30.98
CA SER A 102 -16.81 -4.97 -30.11
C SER A 102 -16.61 -5.38 -28.66
N LEU A 103 -15.89 -4.55 -27.92
CA LEU A 103 -15.70 -4.74 -26.49
C LEU A 103 -16.35 -3.61 -25.72
N THR A 104 -17.07 -3.98 -24.65
CA THR A 104 -17.69 -2.99 -23.77
C THR A 104 -17.23 -3.19 -22.34
N VAL A 105 -16.73 -2.12 -21.76
CA VAL A 105 -16.17 -2.14 -20.40
C VAL A 105 -16.52 -0.87 -19.62
N GLN A 106 -16.69 -1.03 -18.31
CA GLN A 106 -17.03 0.06 -17.43
C GLN A 106 -15.84 0.37 -16.53
N ALA A 107 -15.69 1.64 -16.16
CA ALA A 107 -14.62 2.06 -15.25
C ALA A 107 -15.07 3.27 -14.47
N GLU A 108 -14.68 3.33 -13.20
CA GLU A 108 -14.98 4.46 -12.35
C GLU A 108 -13.79 5.43 -12.39
N VAL A 109 -14.09 6.72 -12.47
CA VAL A 109 -13.06 7.74 -12.70
C VAL A 109 -12.64 8.54 -11.45
N SER A 110 -13.57 8.74 -10.51
CA SER A 110 -13.33 9.57 -9.32
C SER A 110 -12.35 8.97 -8.30
N GLY A 111 -12.07 7.67 -8.43
CA GLY A 111 -11.03 7.04 -7.62
C GLY A 111 -9.63 7.21 -8.18
N LEU A 112 -9.51 7.39 -9.48
CA LEU A 112 -8.19 7.53 -10.12
C LEU A 112 -7.79 8.99 -10.29
N TYR A 113 -8.79 9.86 -10.31
CA TYR A 113 -8.59 11.30 -10.48
C TYR A 113 -9.40 12.00 -9.41
N ASP A 114 -8.82 13.01 -8.77
CA ASP A 114 -9.50 13.69 -7.65
C ASP A 114 -10.60 14.63 -8.16
N MET A 115 -11.84 14.15 -8.03
CA MET A 115 -13.00 14.85 -8.57
C MET A 115 -13.95 15.18 -7.41
N SER A 116 -13.40 15.21 -6.20
CA SER A 116 -14.19 15.49 -5.01
C SER A 116 -14.65 16.94 -4.93
N ALA A 117 -13.80 17.87 -5.37
CA ALA A 117 -14.16 19.29 -5.37
C ALA A 117 -15.23 19.57 -6.44
N GLN A 118 -16.19 20.41 -6.10
CA GLN A 118 -17.36 20.65 -6.97
C GLN A 118 -17.00 21.38 -8.26
N GLY A 119 -17.77 21.12 -9.31
CA GLY A 119 -17.53 21.76 -10.59
C GLY A 119 -17.91 20.97 -11.82
N GLN A 120 -17.83 21.65 -12.96
CA GLN A 120 -18.08 21.06 -14.26
C GLN A 120 -16.82 20.35 -14.72
N TYR A 121 -16.91 19.03 -14.79
CA TYR A 121 -15.78 18.20 -15.21
C TYR A 121 -15.98 17.68 -16.63
N SER A 122 -14.86 17.47 -17.32
CA SER A 122 -14.86 16.86 -18.64
C SER A 122 -14.02 15.60 -18.57
N ILE A 123 -14.45 14.56 -19.26
CA ILE A 123 -13.72 13.28 -19.31
C ILE A 123 -13.62 12.75 -20.73
N ARG A 124 -12.39 12.54 -21.20
CA ARG A 124 -12.14 11.80 -22.44
C ARG A 124 -11.33 10.54 -22.14
N TYR A 125 -11.57 9.51 -22.94
CA TYR A 125 -10.79 8.28 -22.84
C TYR A 125 -9.63 8.27 -23.82
N GLN A 126 -8.43 7.99 -23.31
CA GLN A 126 -7.25 7.83 -24.15
C GLN A 126 -7.31 6.50 -24.90
N LEU A 127 -7.46 6.59 -26.22
CA LEU A 127 -7.58 5.40 -27.06
C LEU A 127 -6.35 4.50 -26.91
N PRO A 128 -6.56 3.17 -26.86
CA PRO A 128 -5.45 2.25 -26.66
C PRO A 128 -4.58 2.13 -27.91
N ALA A 129 -3.28 1.98 -27.72
CA ALA A 129 -2.34 1.80 -28.83
C ALA A 129 -2.64 0.50 -29.57
N ARG A 130 -2.35 0.51 -30.87
CA ARG A 130 -2.61 -0.64 -31.72
CA ARG A 130 -2.62 -0.63 -31.74
C ARG A 130 -1.31 -1.23 -32.27
N ARG A 131 -1.40 -2.29 -33.05
CA ARG A 131 -0.23 -2.92 -33.66
C ARG A 131 -0.52 -3.38 -35.08
N SER A 142 -4.57 10.22 -29.46
CA SER A 142 -5.93 10.06 -29.92
C SER A 142 -6.87 9.78 -28.75
N GLU A 143 -8.08 10.29 -28.87
CA GLU A 143 -9.03 10.30 -27.75
C GLU A 143 -10.45 9.99 -28.21
N SER A 144 -11.25 9.50 -27.27
CA SER A 144 -12.67 9.30 -27.49
C SER A 144 -13.37 10.65 -27.39
N ASN A 145 -14.66 10.66 -27.71
CA ASN A 145 -15.53 11.80 -27.42
C ASN A 145 -15.42 12.21 -25.94
N ALA A 146 -15.72 13.46 -25.65
CA ALA A 146 -15.75 13.91 -24.26
C ALA A 146 -17.15 13.76 -23.68
N ILE A 147 -17.22 13.36 -22.42
CA ILE A 147 -18.45 13.53 -21.65
C ILE A 147 -18.25 14.63 -20.61
N THR A 148 -19.32 15.34 -20.28
CA THR A 148 -19.25 16.42 -19.30
C THR A 148 -20.34 16.32 -18.23
N LEU A 149 -19.95 16.43 -16.97
CA LEU A 149 -20.89 16.25 -15.86
C LEU A 149 -20.66 17.19 -14.69
N TRP A 150 -21.75 17.52 -13.98
CA TRP A 150 -21.65 18.30 -12.77
C TRP A 150 -21.35 17.39 -11.57
N VAL A 151 -20.36 17.80 -10.78
CA VAL A 151 -20.05 17.12 -9.53
C VAL A 151 -20.45 18.06 -8.40
N GLU A 152 -21.47 17.67 -7.62
CA GLU A 152 -21.93 18.49 -6.50
C GLU A 152 -20.83 18.68 -5.48
N GLY A 153 -19.95 17.69 -5.38
CA GLY A 153 -18.74 17.81 -4.60
C GLY A 153 -18.91 17.43 -3.15
N VAL A 154 -17.83 16.89 -2.57
CA VAL A 154 -17.81 16.55 -1.17
C VAL A 154 -17.77 17.85 -0.35
N ASN A 155 -18.92 18.18 0.24
CA ASN A 155 -19.05 19.41 1.02
C ASN A 155 -18.50 19.22 2.42
N ASP A 156 -17.17 19.40 2.54
CA ASP A 156 -16.48 19.20 3.81
C ASP A 156 -15.15 19.95 3.81
N GLU A 157 -14.87 20.62 4.93
CA GLU A 157 -13.66 21.41 5.13
C GLU A 157 -12.41 20.56 5.37
N ARG A 158 -12.61 19.30 5.78
CA ARG A 158 -11.50 18.39 6.10
C ARG A 158 -10.74 17.92 4.87
N VAL A 159 -11.42 17.85 3.73
CA VAL A 159 -10.81 17.43 2.47
C VAL A 159 -10.08 18.60 1.79
N GLY A 173 -5.70 18.41 11.60
CA GLY A 173 -7.07 17.87 11.52
C GLY A 173 -7.61 17.88 10.11
N SER A 174 -7.31 16.82 9.36
CA SER A 174 -7.73 16.74 7.96
C SER A 174 -7.89 15.29 7.54
N VAL A 175 -8.61 15.07 6.44
CA VAL A 175 -8.80 13.73 5.89
C VAL A 175 -8.31 13.67 4.43
N SER A 176 -7.45 12.70 4.15
CA SER A 176 -6.92 12.45 2.81
C SER A 176 -7.26 11.04 2.37
N PHE A 177 -7.18 10.78 1.07
CA PHE A 177 -7.61 9.49 0.51
C PHE A 177 -6.58 8.86 -0.42
N SER A 178 -6.54 7.53 -0.44
CA SER A 178 -5.70 6.78 -1.37
C SER A 178 -6.37 5.46 -1.79
N GLY A 179 -5.72 4.70 -2.66
CA GLY A 179 -6.24 3.40 -3.10
C GLY A 179 -7.60 3.45 -3.78
N ARG A 180 -7.80 4.47 -4.63
CA ARG A 180 -9.01 4.60 -5.46
C ARG A 180 -10.34 4.74 -4.73
N CYS A 181 -10.35 5.45 -3.60
CA CYS A 181 -11.62 5.81 -2.97
C CYS A 181 -12.40 6.69 -3.94
N THR A 182 -13.60 6.25 -4.29
CA THR A 182 -14.48 6.98 -5.19
C THR A 182 -15.14 8.14 -4.43
N ASN A 183 -15.81 9.03 -5.16
CA ASN A 183 -16.52 10.14 -4.53
C ASN A 183 -17.52 9.69 -3.47
N THR A 184 -18.21 8.58 -3.74
CA THR A 184 -19.21 8.04 -2.81
C THR A 184 -18.55 7.44 -1.57
N GLN A 185 -17.46 6.71 -1.77
CA GLN A 185 -16.70 6.14 -0.66
C GLN A 185 -16.12 7.23 0.20
N LYS A 186 -15.71 8.33 -0.43
CA LYS A 186 -15.19 9.51 0.28
C LYS A 186 -16.22 10.12 1.23
N SER A 187 -17.44 10.29 0.75
CA SER A 187 -18.54 10.83 1.56
C SER A 187 -18.93 9.87 2.67
N ASP A 188 -19.14 8.60 2.31
CA ASP A 188 -19.50 7.55 3.27
C ASP A 188 -18.50 7.45 4.41
N LEU A 189 -17.25 7.69 4.06
CA LEU A 189 -16.15 7.66 4.99
C LEU A 189 -16.22 8.81 5.99
N LEU A 190 -16.48 10.00 5.48
CA LEU A 190 -16.61 11.21 6.31
C LEU A 190 -17.82 11.13 7.22
N THR A 191 -18.88 10.49 6.72
CA THR A 191 -20.07 10.23 7.52
C THR A 191 -19.74 9.24 8.63
N ALA A 192 -18.97 8.21 8.28
CA ALA A 192 -18.52 7.22 9.25
C ALA A 192 -17.59 7.83 10.29
N LEU A 193 -16.76 8.79 9.87
CA LEU A 193 -15.81 9.43 10.78
C LEU A 193 -16.51 10.33 11.79
N ASP A 194 -17.55 11.04 11.34
CA ASP A 194 -18.39 11.84 12.25
C ASP A 194 -19.02 10.98 13.32
N ALA A 195 -19.44 9.78 12.95
CA ALA A 195 -20.06 8.85 13.90
C ALA A 195 -19.01 8.27 14.85
N ALA A 196 -17.81 8.03 14.32
CA ALA A 196 -16.69 7.54 15.10
C ALA A 196 -16.27 8.56 16.14
N SER A 197 -16.31 9.84 15.75
CA SER A 197 -16.08 10.95 16.67
C SER A 197 -17.14 10.98 17.77
N GLY A 198 -18.39 10.70 17.40
CA GLY A 198 -19.50 10.71 18.34
C GLY A 198 -19.36 9.72 19.48
N ILE A 199 -19.19 8.44 19.11
CA ILE A 199 -19.02 7.35 20.09
C ILE A 199 -17.68 7.43 20.84
N SER A 200 -16.67 7.95 20.16
CA SER A 200 -15.37 8.23 20.75
C SER A 200 -15.48 9.28 21.86
N ASN A 201 -16.23 10.34 21.59
CA ASN A 201 -16.53 11.37 22.59
C ASN A 201 -17.33 10.80 23.75
N ASN A 202 -18.35 9.99 23.43
CA ASN A 202 -19.18 9.34 24.44
C ASN A 202 -18.35 8.48 25.39
N ALA A 203 -17.40 7.74 24.81
CA ALA A 203 -16.47 6.91 25.56
C ALA A 203 -15.64 7.74 26.55
N SER A 204 -15.01 8.81 26.06
CA SER A 204 -14.18 9.68 26.90
C SER A 204 -14.98 10.30 28.02
N SER A 205 -16.19 10.73 27.68
CA SER A 205 -17.08 11.37 28.64
C SER A 205 -17.41 10.44 29.81
N TYR A 206 -17.55 9.16 29.51
CA TYR A 206 -17.84 8.13 30.52
C TYR A 206 -16.62 7.89 31.40
N LEU A 207 -15.44 7.90 30.79
CA LEU A 207 -14.18 7.63 31.50
C LEU A 207 -13.70 8.82 32.33
N ALA A 208 -14.42 9.94 32.25
CA ALA A 208 -14.04 11.15 32.96
C ALA A 208 -14.15 10.94 34.46
N VAL A 209 -15.28 10.40 34.92
CA VAL A 209 -15.49 10.10 36.34
C VAL A 209 -15.43 8.60 36.56
N ASP A 210 -14.56 8.18 37.49
CA ASP A 210 -14.37 6.77 37.82
C ASP A 210 -15.62 6.13 38.43
N LYS A 211 -15.91 4.92 38.02
CA LYS A 211 -17.02 4.16 38.56
C LYS A 211 -16.63 2.69 38.68
N PRO A 212 -16.14 2.28 39.87
CA PRO A 212 -15.68 0.92 40.12
C PRO A 212 -16.65 -0.18 39.69
N ASP A 213 -17.96 0.02 39.89
CA ASP A 213 -18.94 -1.01 39.49
C ASP A 213 -19.56 -0.75 38.11
N GLY A 214 -18.91 0.10 37.32
CA GLY A 214 -19.37 0.42 35.96
C GLY A 214 -19.49 -0.82 35.09
N GLN A 215 -20.71 -1.05 34.60
CA GLN A 215 -21.04 -2.23 33.78
C GLN A 215 -20.32 -2.19 32.43
N ARG A 216 -20.44 -1.07 31.74
CA ARG A 216 -19.80 -0.86 30.45
C ARG A 216 -18.31 -1.13 30.53
N TYR A 217 -17.64 -0.52 31.51
CA TYR A 217 -16.21 -0.71 31.72
C TYR A 217 -15.86 -2.16 32.07
N ARG A 218 -16.57 -2.74 33.04
CA ARG A 218 -16.39 -4.14 33.41
C ARG A 218 -16.46 -5.05 32.19
N SER A 219 -17.45 -4.80 31.33
CA SER A 219 -17.67 -5.64 30.16
C SER A 219 -16.40 -5.79 29.29
N TRP A 220 -15.77 -4.65 28.96
CA TRP A 220 -14.71 -4.61 27.93
C TRP A 220 -13.31 -4.47 28.50
N PHE A 221 -13.19 -4.06 29.76
CA PHE A 221 -11.87 -3.91 30.38
C PHE A 221 -11.69 -4.69 31.68
N GLY A 222 -12.78 -5.29 32.15
CA GLY A 222 -12.72 -6.19 33.31
C GLY A 222 -12.58 -5.49 34.66
N ALA A 223 -11.95 -6.18 35.61
CA ALA A 223 -11.86 -5.77 37.01
C ALA A 223 -11.23 -4.39 37.18
N TYR A 224 -11.92 -3.54 37.94
CA TYR A 224 -11.50 -2.17 38.17
C TYR A 224 -10.21 -2.04 38.96
N SER A 225 -9.37 -1.11 38.50
CA SER A 225 -8.37 -0.45 39.33
C SER A 225 -8.24 0.96 38.80
N SER A 226 -7.82 1.90 39.64
CA SER A 226 -7.74 3.30 39.21
C SER A 226 -6.73 3.45 38.07
N ALA A 227 -5.60 2.74 38.18
CA ALA A 227 -4.58 2.75 37.16
C ALA A 227 -5.08 2.19 35.82
N ARG A 228 -5.85 1.09 35.85
CA ARG A 228 -6.35 0.49 34.62
C ARG A 228 -7.42 1.37 33.97
N TRP A 229 -8.32 1.93 34.79
CA TRP A 229 -9.27 2.94 34.33
C TRP A 229 -8.55 4.11 33.64
N ASP A 230 -7.46 4.60 34.27
CA ASP A 230 -6.69 5.74 33.75
C ASP A 230 -6.06 5.42 32.38
N GLN A 231 -5.64 4.17 32.22
CA GLN A 231 -5.09 3.71 30.95
C GLN A 231 -6.13 3.77 29.83
N ALA A 232 -7.33 3.26 30.12
CA ALA A 232 -8.43 3.32 29.15
C ALA A 232 -8.83 4.76 28.84
N GLU A 233 -8.83 5.62 29.85
CA GLU A 233 -9.14 7.04 29.66
C GLU A 233 -8.11 7.73 28.75
N THR A 234 -6.83 7.57 29.09
CA THR A 234 -5.72 8.07 28.27
C THR A 234 -5.90 7.57 26.83
N ASN A 235 -6.10 6.26 26.68
CA ASN A 235 -6.24 5.67 25.36
C ASN A 235 -7.34 6.35 24.55
N PHE A 236 -8.49 6.59 25.19
CA PHE A 236 -9.65 7.13 24.47
C PHE A 236 -9.59 8.62 24.13
N SER A 237 -8.92 9.43 24.94
CA SER A 237 -8.74 10.84 24.56
C SER A 237 -7.68 10.99 23.46
N LYS A 238 -6.75 10.04 23.39
CA LYS A 238 -5.80 9.95 22.27
C LYS A 238 -6.46 9.50 20.97
N ILE A 239 -7.41 8.56 21.05
CA ILE A 239 -8.20 8.16 19.88
C ILE A 239 -9.04 9.33 19.39
N LYS A 240 -9.71 9.97 20.33
CA LYS A 240 -10.56 11.13 20.09
C LYS A 240 -9.77 12.25 19.43
N ASP A 241 -8.55 12.48 19.93
CA ASP A 241 -7.66 13.51 19.40
C ASP A 241 -7.22 13.22 17.96
N ALA A 242 -6.93 11.95 17.67
CA ALA A 242 -6.58 11.54 16.32
C ALA A 242 -7.75 11.74 15.35
N ILE A 243 -8.97 11.49 15.84
CA ILE A 243 -10.18 11.65 15.04
C ILE A 243 -10.39 13.11 14.67
N ASP A 244 -10.19 13.99 15.64
CA ASP A 244 -10.55 15.40 15.48
C ASP A 244 -9.39 16.33 15.07
N ASN A 245 -8.16 15.95 15.40
CA ASN A 245 -7.02 16.87 15.24
C ASN A 245 -5.79 16.30 14.53
N LYS A 246 -5.93 15.15 13.89
CA LYS A 246 -4.79 14.52 13.22
C LYS A 246 -4.98 14.32 11.71
N PRO A 247 -3.89 14.41 10.94
CA PRO A 247 -4.00 14.16 9.49
C PRO A 247 -4.28 12.68 9.21
N LEU A 248 -5.53 12.40 8.82
CA LEU A 248 -5.97 11.03 8.62
C LEU A 248 -5.93 10.66 7.14
N THR A 249 -5.57 9.41 6.88
CA THR A 249 -5.58 8.90 5.53
C THR A 249 -6.38 7.60 5.47
N PHE A 250 -7.40 7.58 4.64
CA PHE A 250 -8.15 6.36 4.42
C PHE A 250 -7.91 5.80 3.03
N ASP A 251 -7.67 4.49 2.97
CA ASP A 251 -7.29 3.81 1.74
C ASP A 251 -8.31 2.75 1.38
N CYS A 252 -8.78 2.77 0.14
CA CYS A 252 -9.86 1.88 -0.29
C CYS A 252 -9.39 0.74 -1.20
N SER A 253 -8.07 0.49 -1.22
CA SER A 253 -7.45 -0.48 -2.11
C SER A 253 -7.57 -1.93 -1.65
N CYS A 254 -7.66 -2.12 -0.34
CA CYS A 254 -7.79 -3.45 0.22
C CYS A 254 -9.03 -4.15 -0.31
N LYS A 255 -8.83 -5.33 -0.87
CA LYS A 255 -9.92 -6.16 -1.40
C LYS A 255 -10.01 -7.46 -0.61
N GLN A 256 -9.45 -7.46 0.59
CA GLN A 256 -9.52 -8.62 1.47
C GLN A 256 -10.89 -8.67 2.15
N SER A 257 -11.29 -9.87 2.56
CA SER A 257 -12.62 -10.11 3.12
C SER A 257 -12.88 -9.37 4.41
N TYR A 258 -11.83 -9.22 5.23
CA TYR A 258 -11.97 -8.61 6.55
C TYR A 258 -12.27 -7.11 6.53
N PHE A 259 -12.23 -6.49 7.71
CA PHE A 259 -12.70 -5.13 7.92
C PHE A 259 -11.72 -4.05 7.47
N ALA A 260 -10.52 -4.09 8.04
CA ALA A 260 -9.53 -3.03 7.86
C ALA A 260 -8.18 -3.53 8.36
N TYR A 261 -7.12 -2.79 8.03
CA TYR A 261 -5.81 -3.05 8.58
C TYR A 261 -4.96 -1.77 8.67
N VAL A 262 -3.95 -1.80 9.50
CA VAL A 262 -3.04 -0.66 9.67
C VAL A 262 -1.63 -1.16 9.89
N TYR A 263 -0.67 -0.33 9.52
CA TYR A 263 0.70 -0.49 10.00
C TYR A 263 0.87 0.49 11.16
N PRO A 264 0.98 -0.03 12.40
CA PRO A 264 0.96 0.77 13.64
C PRO A 264 2.07 1.81 13.78
N ASP A 265 3.13 1.68 13.00
CA ASP A 265 4.23 2.64 13.01
C ASP A 265 4.13 3.63 11.85
N GLN A 266 3.00 3.62 11.15
CA GLN A 266 2.76 4.51 10.02
C GLN A 266 1.44 5.25 10.20
N PRO A 267 1.38 6.19 11.16
CA PRO A 267 0.18 7.00 11.36
C PRO A 267 0.00 8.01 10.21
N TYR A 268 -1.24 8.31 9.81
CA TYR A 268 -2.45 7.74 10.39
C TYR A 268 -3.25 7.12 9.25
N LYS A 269 -2.70 6.08 8.64
CA LYS A 269 -3.27 5.57 7.40
C LYS A 269 -4.03 4.28 7.62
N VAL A 270 -5.35 4.34 7.41
CA VAL A 270 -6.22 3.19 7.61
C VAL A 270 -6.62 2.58 6.28
N TYR A 271 -6.44 1.27 6.17
CA TYR A 271 -6.77 0.57 4.95
C TYR A 271 -8.13 -0.08 5.12
N LEU A 272 -9.06 0.30 4.26
CA LEU A 272 -10.43 -0.19 4.37
C LEU A 272 -10.66 -1.37 3.45
N CYS A 273 -11.18 -2.44 4.03
CA CYS A 273 -11.43 -3.67 3.32
C CYS A 273 -12.95 -3.91 3.15
N LYS A 274 -13.30 -5.01 2.48
CA LYS A 274 -14.69 -5.31 2.11
C LYS A 274 -15.71 -5.29 3.25
N SER A 275 -15.38 -5.87 4.39
CA SER A 275 -16.28 -5.87 5.54
C SER A 275 -16.54 -4.48 6.17
N PHE A 276 -15.70 -3.50 5.85
CA PHE A 276 -15.98 -2.12 6.28
C PHE A 276 -17.18 -1.55 5.53
N TRP A 277 -17.26 -1.85 4.22
CA TRP A 277 -18.38 -1.41 3.39
C TRP A 277 -19.67 -2.19 3.67
N THR A 278 -19.53 -3.49 3.92
CA THR A 278 -20.66 -4.33 4.32
C THR A 278 -21.15 -3.97 5.74
N ALA A 279 -20.32 -3.25 6.49
CA ALA A 279 -20.65 -2.84 7.87
C ALA A 279 -21.68 -1.71 7.93
N PRO A 280 -22.53 -1.72 8.96
CA PRO A 280 -23.44 -0.60 9.21
C PRO A 280 -22.65 0.63 9.67
N VAL A 281 -23.21 1.81 9.46
CA VAL A 281 -22.53 3.05 9.87
C VAL A 281 -22.29 3.06 11.38
N THR A 282 -23.31 2.67 12.14
CA THR A 282 -23.21 2.57 13.59
C THR A 282 -23.71 1.20 14.06
N GLY A 283 -23.41 0.85 15.31
CA GLY A 283 -23.75 -0.46 15.84
C GLY A 283 -22.54 -1.34 16.05
N SER A 284 -22.79 -2.64 16.21
CA SER A 284 -21.73 -3.63 16.46
C SER A 284 -20.93 -3.88 15.20
N ASP A 285 -19.60 -3.87 15.33
CA ASP A 285 -18.70 -4.06 14.19
C ASP A 285 -19.09 -3.12 13.05
N SER A 286 -19.31 -1.88 13.44
CA SER A 286 -19.76 -0.83 12.54
C SER A 286 -18.60 -0.09 11.92
N ARG A 287 -18.91 0.76 10.95
CA ARG A 287 -17.93 1.62 10.30
C ARG A 287 -17.30 2.60 11.28
N ALA A 288 -18.12 3.20 12.14
CA ALA A 288 -17.64 4.11 13.17
C ALA A 288 -16.71 3.38 14.14
N GLY A 289 -17.04 2.11 14.42
CA GLY A 289 -16.32 1.30 15.38
C GLY A 289 -15.00 0.77 14.83
N THR A 290 -15.01 0.42 13.55
CA THR A 290 -13.80 -0.01 12.84
C THR A 290 -12.76 1.11 12.87
N ILE A 291 -13.23 2.35 12.68
CA ILE A 291 -12.36 3.52 12.79
C ILE A 291 -11.74 3.67 14.19
N VAL A 292 -12.54 3.46 15.24
CA VAL A 292 -12.01 3.49 16.61
C VAL A 292 -10.97 2.37 16.79
N HIS A 293 -11.31 1.18 16.30
CA HIS A 293 -10.43 0.01 16.33
C HIS A 293 -9.07 0.30 15.68
N ALA A 294 -9.09 0.75 14.43
CA ALA A 294 -7.86 0.88 13.65
C ALA A 294 -6.97 1.98 14.20
N LEU A 295 -7.56 3.10 14.60
CA LEU A 295 -6.78 4.21 15.14
C LEU A 295 -6.09 3.89 16.47
N SER A 296 -6.75 3.08 17.30
CA SER A 296 -6.17 2.67 18.59
C SER A 296 -4.83 1.94 18.43
N HIS A 297 -4.64 1.28 17.29
CA HIS A 297 -3.40 0.54 17.00
C HIS A 297 -2.15 1.41 16.94
N PHE A 298 -2.26 2.60 16.34
CA PHE A 298 -1.08 3.42 16.13
C PHE A 298 -0.36 3.67 17.45
N ASN A 299 0.96 3.54 17.42
CA ASN A 299 1.78 3.70 18.61
C ASN A 299 1.74 5.12 19.16
N VAL A 300 1.47 6.09 18.29
CA VAL A 300 1.30 7.49 18.71
C VAL A 300 -0.10 7.75 19.25
N VAL A 301 -0.99 6.77 19.11
CA VAL A 301 -2.34 6.85 19.66
C VAL A 301 -2.39 6.00 20.93
N ALA A 302 -2.78 4.72 20.83
CA ALA A 302 -2.91 3.87 22.02
C ALA A 302 -2.06 2.60 21.97
N GLY A 303 -1.52 2.29 20.81
CA GLY A 303 -0.60 1.16 20.64
C GLY A 303 -1.18 -0.19 20.96
N THR A 304 -2.47 -0.37 20.70
CA THR A 304 -3.17 -1.62 21.02
C THR A 304 -2.80 -2.72 20.03
N ASP A 305 -2.91 -3.96 20.48
CA ASP A 305 -2.70 -5.10 19.61
C ASP A 305 -4.03 -5.69 19.14
N ASP A 306 -3.95 -6.72 18.30
CA ASP A 306 -5.14 -7.47 17.88
C ASP A 306 -5.03 -8.88 18.42
N LEU A 307 -5.14 -8.98 19.75
CA LEU A 307 -5.01 -10.22 20.49
C LEU A 307 -6.18 -11.16 20.26
N GLY A 308 -7.35 -10.60 20.00
CA GLY A 308 -8.56 -11.41 19.75
C GLY A 308 -9.66 -10.62 19.08
N TYR A 309 -10.58 -11.32 18.42
CA TYR A 309 -11.62 -10.67 17.62
C TYR A 309 -13.05 -11.08 17.98
N GLY A 310 -13.94 -10.09 18.00
CA GLY A 310 -15.34 -10.33 18.32
C GLY A 310 -15.66 -10.02 19.77
N GLN A 311 -16.92 -9.64 20.01
CA GLN A 311 -17.41 -9.28 21.34
C GLN A 311 -17.21 -10.40 22.36
N ALA A 312 -17.47 -11.65 21.95
CA ALA A 312 -17.32 -12.80 22.84
C ALA A 312 -15.87 -12.94 23.32
N ASN A 313 -14.93 -12.99 22.37
CA ASN A 313 -13.51 -13.09 22.68
C ASN A 313 -13.06 -11.91 23.53
N ALA A 314 -13.53 -10.73 23.16
CA ALA A 314 -13.23 -9.48 23.87
C ALA A 314 -13.73 -9.51 25.29
N ARG A 315 -14.95 -10.02 25.49
CA ARG A 315 -15.51 -10.17 26.85
C ARG A 315 -14.69 -11.16 27.68
N ASN A 316 -14.35 -12.31 27.07
CA ASN A 316 -13.56 -13.32 27.74
C ASN A 316 -12.18 -12.82 28.18
N LEU A 317 -11.57 -12.02 27.32
CA LEU A 317 -10.30 -11.35 27.59
C LEU A 317 -10.37 -10.43 28.83
N ALA A 318 -11.46 -9.66 28.94
CA ALA A 318 -11.65 -8.74 30.07
C ALA A 318 -11.78 -9.46 31.41
N LYS A 319 -12.42 -10.63 31.40
CA LYS A 319 -12.51 -11.50 32.58
C LYS A 319 -11.19 -12.23 32.80
N THR A 320 -10.56 -12.63 31.70
CA THR A 320 -9.36 -13.46 31.72
C THR A 320 -8.12 -12.64 32.13
N ASP A 321 -7.95 -11.49 31.49
CA ASP A 321 -6.75 -10.69 31.68
C ASP A 321 -7.07 -9.25 31.26
N PRO A 322 -7.50 -8.41 32.22
CA PRO A 322 -7.77 -7.00 31.97
C PRO A 322 -6.65 -6.29 31.19
N VAL A 323 -5.41 -6.68 31.46
CA VAL A 323 -4.23 -6.08 30.84
C VAL A 323 -4.23 -6.35 29.34
N LYS A 324 -4.56 -7.58 28.98
CA LYS A 324 -4.74 -7.96 27.58
C LYS A 324 -5.91 -7.18 26.96
N ALA A 325 -7.01 -7.02 27.72
CA ALA A 325 -8.19 -6.32 27.22
C ALA A 325 -7.90 -4.84 26.94
N LEU A 326 -7.24 -4.16 27.87
CA LEU A 326 -6.84 -2.77 27.69
C LEU A 326 -5.86 -2.57 26.53
N ASN A 327 -5.29 -3.67 26.03
CA ASN A 327 -4.32 -3.64 24.93
C ASN A 327 -4.86 -4.32 23.68
N ASN A 328 -6.19 -4.36 23.56
CA ASN A 328 -6.84 -4.97 22.41
C ASN A 328 -7.78 -3.99 21.76
N ALA A 329 -7.60 -3.80 20.45
CA ALA A 329 -8.37 -2.84 19.67
C ALA A 329 -9.88 -3.06 19.72
N ASP A 330 -10.31 -4.30 19.52
CA ASP A 330 -11.74 -4.65 19.55
C ASP A 330 -12.38 -4.31 20.89
N ASN A 331 -11.64 -4.49 21.99
CA ASN A 331 -12.13 -4.11 23.30
C ASN A 331 -12.47 -2.62 23.41
N HIS A 332 -11.64 -1.78 22.78
CA HIS A 332 -11.87 -0.34 22.72
C HIS A 332 -13.03 -0.03 21.79
N GLU A 333 -13.10 -0.73 20.67
CA GLU A 333 -14.21 -0.57 19.72
C GLU A 333 -15.56 -0.85 20.39
N TYR A 334 -15.67 -2.01 21.02
CA TYR A 334 -16.93 -2.41 21.66
C TYR A 334 -17.29 -1.54 22.86
N PHE A 335 -16.29 -1.03 23.56
CA PHE A 335 -16.53 -0.03 24.62
C PHE A 335 -17.22 1.20 24.07
N ALA A 336 -16.72 1.70 22.94
CA ALA A 336 -17.24 2.88 22.28
C ALA A 336 -18.60 2.64 21.60
N GLU A 337 -18.71 1.52 20.89
CA GLU A 337 -19.94 1.15 20.20
C GLU A 337 -21.09 0.98 21.18
N ASN A 338 -20.80 0.36 22.33
CA ASN A 338 -21.76 0.23 23.43
C ASN A 338 -23.15 -0.20 22.92
N THR A 339 -23.18 -1.18 22.03
CA THR A 339 -24.43 -1.64 21.42
C THR A 339 -24.98 -2.82 22.21
N PRO A 340 -26.24 -2.73 22.68
CA PRO A 340 -26.92 -3.82 23.39
C PRO A 340 -27.05 -5.08 22.54
N GLY B 23 -1.18 -29.28 26.38
CA GLY B 23 -1.41 -30.39 25.41
C GLY B 23 -0.75 -30.11 24.06
N LEU B 24 -0.31 -28.87 23.87
CA LEU B 24 0.29 -28.42 22.62
C LEU B 24 1.79 -28.21 22.78
N ASP B 25 2.57 -28.98 22.04
CA ASP B 25 4.03 -28.81 21.97
C ASP B 25 4.39 -27.94 20.78
N ALA B 26 4.85 -26.73 21.07
CA ALA B 26 5.31 -25.79 20.04
C ALA B 26 6.81 -25.93 19.81
N GLN B 27 7.17 -26.44 18.64
CA GLN B 27 8.58 -26.71 18.29
C GLN B 27 9.07 -25.78 17.18
N LEU B 28 9.97 -24.88 17.55
CA LEU B 28 10.54 -23.93 16.61
C LEU B 28 11.94 -24.35 16.18
N THR B 29 12.24 -24.20 14.91
CA THR B 29 13.57 -24.51 14.38
C THR B 29 13.95 -23.52 13.29
N LEU B 30 15.25 -23.29 13.13
CA LEU B 30 15.75 -22.47 12.02
C LEU B 30 15.96 -23.36 10.79
N VAL B 31 15.55 -22.84 9.63
CA VAL B 31 15.76 -23.50 8.35
C VAL B 31 17.11 -23.06 7.80
N ASP B 32 17.88 -24.00 7.27
CA ASP B 32 19.19 -23.66 6.69
C ASP B 32 19.04 -23.11 5.28
N GLY B 33 19.70 -21.99 5.02
CA GLY B 33 19.71 -21.34 3.70
C GLY B 33 20.93 -20.47 3.50
N SER B 34 21.32 -20.30 2.23
CA SER B 34 22.50 -19.52 1.86
C SER B 34 22.37 -18.01 2.13
N THR B 35 21.13 -17.50 2.09
CA THR B 35 20.86 -16.07 2.26
C THR B 35 20.87 -15.63 3.72
N ASP B 36 20.66 -14.33 3.93
CA ASP B 36 20.46 -13.74 5.25
C ASP B 36 18.97 -13.66 5.61
N ASP B 37 18.16 -14.43 4.88
CA ASP B 37 16.76 -14.64 5.21
C ASP B 37 16.66 -15.39 6.54
N VAL B 38 15.65 -15.03 7.32
CA VAL B 38 15.42 -15.65 8.63
C VAL B 38 14.18 -16.54 8.54
N ARG B 39 14.38 -17.74 8.03
CA ARG B 39 13.29 -18.68 7.82
C ARG B 39 13.21 -19.70 8.96
N VAL B 40 12.01 -19.87 9.51
CA VAL B 40 11.80 -20.77 10.65
C VAL B 40 10.66 -21.76 10.42
N ASN B 41 10.82 -22.98 10.95
CA ASN B 41 9.75 -23.96 10.95
C ASN B 41 9.07 -24.02 12.31
N LEU B 42 7.74 -23.93 12.32
CA LEU B 42 6.98 -24.17 13.53
C LEU B 42 6.21 -25.47 13.37
N THR B 43 6.54 -26.44 14.21
CA THR B 43 5.78 -27.69 14.27
C THR B 43 4.99 -27.70 15.56
N LEU B 44 3.66 -27.83 15.42
CA LEU B 44 2.77 -27.92 16.56
C LEU B 44 2.22 -29.33 16.71
N THR B 45 2.48 -29.96 17.87
CA THR B 45 2.04 -31.33 18.14
C THR B 45 1.06 -31.38 19.30
N ASN B 46 -0.10 -32.01 19.04
CA ASN B 46 -1.10 -32.23 20.08
C ASN B 46 -0.71 -33.45 20.92
N THR B 47 -0.16 -33.16 22.10
CA THR B 47 0.34 -34.20 23.00
C THR B 47 -0.78 -34.77 23.88
N GLY B 48 -1.89 -34.04 23.96
CA GLY B 48 -3.05 -34.46 24.73
C GLY B 48 -3.82 -35.62 24.13
N ASP B 49 -5.03 -35.85 24.64
CA ASP B 49 -5.87 -36.97 24.22
C ASP B 49 -7.08 -36.49 23.43
N LYS B 50 -7.42 -35.21 23.60
CA LYS B 50 -8.53 -34.57 22.91
C LYS B 50 -8.01 -33.69 21.78
N PRO B 51 -8.80 -33.51 20.70
CA PRO B 51 -8.38 -32.57 19.67
C PRO B 51 -8.43 -31.12 20.17
N ILE B 52 -7.51 -30.28 19.70
CA ILE B 52 -7.57 -28.86 20.02
C ILE B 52 -7.81 -28.00 18.79
N ARG B 53 -8.60 -26.94 18.98
CA ARG B 53 -8.91 -26.00 17.92
C ARG B 53 -7.85 -24.92 17.85
N LEU B 54 -7.32 -24.71 16.64
CA LEU B 54 -6.37 -23.64 16.40
C LEU B 54 -7.00 -22.56 15.53
N LEU B 55 -6.75 -21.31 15.88
CA LEU B 55 -7.12 -20.19 15.04
C LEU B 55 -6.08 -20.07 13.91
N LYS B 56 -6.55 -20.06 12.67
CA LYS B 56 -5.65 -20.01 11.51
C LYS B 56 -4.69 -18.81 11.54
N TRP B 57 -5.21 -17.66 11.94
CA TRP B 57 -4.40 -16.43 12.00
C TRP B 57 -3.31 -16.47 13.07
N GLN B 58 -3.39 -17.46 13.96
CA GLN B 58 -2.41 -17.64 15.03
C GLN B 58 -1.25 -18.51 14.56
N LEU B 59 -1.34 -19.02 13.34
CA LEU B 59 -0.26 -19.76 12.71
C LEU B 59 0.54 -18.83 11.81
N PRO B 60 1.88 -18.83 11.95
CA PRO B 60 2.72 -18.02 11.07
C PRO B 60 2.52 -18.45 9.61
N GLY B 61 2.14 -17.49 8.78
CA GLY B 61 1.82 -17.80 7.39
C GLY B 61 2.14 -16.69 6.41
N SER B 62 1.08 -16.19 5.79
CA SER B 62 1.20 -15.25 4.67
C SER B 62 0.71 -13.89 5.10
N ASP B 63 -0.41 -13.90 5.83
CA ASP B 63 -0.96 -12.68 6.42
C ASP B 63 -0.07 -12.22 7.57
N ASP B 64 -0.18 -10.95 7.92
CA ASP B 64 0.64 -10.36 8.96
C ASP B 64 -0.03 -10.51 10.33
N ALA B 65 0.72 -11.09 11.26
CA ALA B 65 0.35 -11.11 12.67
C ALA B 65 1.63 -11.12 13.49
N PRO B 66 1.63 -10.43 14.64
CA PRO B 66 2.81 -10.41 15.50
C PRO B 66 2.87 -11.67 16.36
N LEU B 67 3.33 -12.78 15.76
CA LEU B 67 3.26 -14.09 16.39
C LEU B 67 4.58 -14.52 17.04
N PHE B 68 5.62 -13.71 16.86
CA PHE B 68 6.92 -13.99 17.44
C PHE B 68 7.35 -12.93 18.42
N LEU B 69 7.91 -13.39 19.54
CA LEU B 69 8.66 -12.51 20.41
C LEU B 69 10.11 -12.60 19.94
N VAL B 70 10.60 -11.49 19.41
CA VAL B 70 11.95 -11.44 18.85
C VAL B 70 12.79 -10.48 19.68
N GLU B 71 14.00 -10.91 20.02
CA GLU B 71 14.94 -10.06 20.77
C GLU B 71 16.33 -10.10 20.16
N ARG B 72 16.99 -8.94 20.14
CA ARG B 72 18.37 -8.84 19.64
C ARG B 72 19.31 -8.74 20.82
N ASP B 73 20.13 -9.78 21.00
CA ASP B 73 21.01 -9.91 22.14
C ASP B 73 20.34 -9.44 23.43
N GLY B 74 19.12 -9.93 23.67
CA GLY B 74 18.35 -9.57 24.86
C GLY B 74 17.53 -8.29 24.81
N GLN B 75 17.82 -7.43 23.83
N GLN B 75 17.83 -7.42 23.85
CA GLN B 75 17.10 -6.16 23.67
CA GLN B 75 17.10 -6.16 23.64
C GLN B 75 15.94 -6.33 22.70
C GLN B 75 15.90 -6.40 22.75
N PRO B 76 14.79 -5.68 22.98
CA PRO B 76 13.56 -5.89 22.19
C PRO B 76 13.65 -5.41 20.75
N VAL B 77 12.90 -6.05 19.87
CA VAL B 77 12.82 -5.71 18.45
C VAL B 77 11.37 -5.38 18.09
N SER B 78 11.21 -4.34 17.26
CA SER B 78 9.88 -3.83 16.88
C SER B 78 9.17 -4.67 15.82
N TYR B 79 7.87 -4.82 15.98
CA TYR B 79 7.01 -5.44 14.97
C TYR B 79 6.81 -4.47 13.80
N GLU B 80 6.90 -5.00 12.58
CA GLU B 80 6.80 -4.17 11.37
C GLU B 80 5.59 -4.47 10.50
N GLY B 81 4.86 -5.53 10.84
CA GLY B 81 3.76 -6.00 10.01
C GLY B 81 2.47 -5.22 10.18
N ALA B 82 1.43 -5.68 9.51
CA ALA B 82 0.11 -5.10 9.65
C ALA B 82 -0.66 -5.76 10.79
N LEU B 83 -1.60 -5.01 11.34
CA LEU B 83 -2.57 -5.46 12.33
C LEU B 83 -3.90 -5.40 11.61
N ILE B 84 -4.75 -6.40 11.81
CA ILE B 84 -5.92 -6.58 10.96
C ILE B 84 -7.18 -6.78 11.80
N LYS B 85 -8.22 -5.99 11.52
CA LYS B 85 -9.53 -6.25 12.11
C LYS B 85 -10.26 -7.33 11.31
N ARG B 86 -10.35 -8.51 11.90
CA ARG B 86 -11.09 -9.63 11.32
C ARG B 86 -12.36 -9.86 12.11
N ALA B 87 -13.38 -10.42 11.46
CA ALA B 87 -14.62 -10.80 12.16
C ALA B 87 -14.33 -11.88 13.20
N ALA B 88 -15.21 -12.00 14.18
CA ALA B 88 -15.15 -13.11 15.13
C ALA B 88 -14.94 -14.41 14.35
N PRO B 89 -14.11 -15.31 14.87
CA PRO B 89 -13.80 -16.52 14.10
C PRO B 89 -15.03 -17.38 13.82
N THR B 90 -15.19 -17.77 12.56
CA THR B 90 -16.22 -18.71 12.11
C THR B 90 -15.59 -20.10 11.97
N ASP B 91 -16.37 -21.05 11.45
CA ASP B 91 -15.91 -22.42 11.19
C ASP B 91 -14.72 -22.45 10.22
N LYS B 92 -14.75 -21.55 9.24
CA LYS B 92 -13.69 -21.41 8.25
C LYS B 92 -12.36 -20.96 8.86
N ASP B 93 -12.42 -20.30 10.02
CA ASP B 93 -11.24 -19.72 10.66
C ASP B 93 -10.45 -20.70 11.54
N PHE B 94 -11.03 -21.87 11.82
CA PHE B 94 -10.41 -22.81 12.75
C PHE B 94 -9.68 -23.96 12.09
N GLN B 95 -8.66 -24.46 12.79
CA GLN B 95 -7.95 -25.65 12.36
C GLN B 95 -7.86 -26.66 13.50
N LEU B 96 -8.56 -27.77 13.32
CA LEU B 96 -8.55 -28.84 14.30
C LEU B 96 -7.22 -29.58 14.27
N LEU B 97 -6.60 -29.73 15.43
CA LEU B 97 -5.43 -30.59 15.56
C LEU B 97 -5.81 -31.77 16.46
N LYS B 98 -6.01 -32.92 15.84
CA LYS B 98 -6.45 -34.13 16.53
C LYS B 98 -5.39 -34.66 17.49
N ALA B 99 -5.77 -35.63 18.33
CA ALA B 99 -4.86 -36.25 19.27
C ALA B 99 -3.68 -36.93 18.55
N GLY B 100 -2.47 -36.63 19.01
CA GLY B 100 -1.26 -37.19 18.44
C GLY B 100 -0.77 -36.59 17.13
N GLN B 101 -1.63 -35.84 16.44
CA GLN B 101 -1.28 -35.32 15.12
C GLN B 101 -0.47 -34.02 15.21
N SER B 102 0.17 -33.66 14.09
CA SER B 102 0.94 -32.44 14.00
C SER B 102 0.65 -31.66 12.72
N LEU B 103 0.97 -30.37 12.76
CA LEU B 103 1.12 -29.54 11.56
C LEU B 103 2.46 -28.81 11.61
N THR B 104 3.06 -28.60 10.45
CA THR B 104 4.26 -27.79 10.34
C THR B 104 4.03 -26.62 9.39
N VAL B 105 4.38 -25.42 9.85
CA VAL B 105 4.28 -24.20 9.06
C VAL B 105 5.63 -23.49 9.02
N GLN B 106 5.89 -22.82 7.91
CA GLN B 106 7.16 -22.10 7.72
C GLN B 106 6.88 -20.61 7.56
N ALA B 107 7.77 -19.77 8.06
CA ALA B 107 7.60 -18.32 7.97
C ALA B 107 8.94 -17.58 7.99
N GLU B 108 8.97 -16.46 7.29
CA GLU B 108 10.12 -15.56 7.29
C GLU B 108 9.93 -14.45 8.34
N VAL B 109 10.94 -14.24 9.17
CA VAL B 109 10.81 -13.35 10.33
C VAL B 109 11.39 -11.93 10.14
N SER B 110 12.41 -11.80 9.29
CA SER B 110 13.09 -10.51 9.13
C SER B 110 12.26 -9.46 8.38
N GLY B 111 11.29 -9.92 7.60
CA GLY B 111 10.35 -9.02 6.93
C GLY B 111 9.27 -8.49 7.85
N LEU B 112 9.06 -9.19 8.96
CA LEU B 112 7.97 -8.87 9.87
C LEU B 112 8.46 -8.10 11.09
N TYR B 113 9.73 -8.28 11.42
CA TYR B 113 10.34 -7.57 12.54
C TYR B 113 11.63 -6.95 12.08
N ASP B 114 11.97 -5.78 12.64
CA ASP B 114 13.19 -5.08 12.28
C ASP B 114 14.43 -5.81 12.81
N MET B 115 14.97 -6.69 11.98
CA MET B 115 16.16 -7.43 12.32
C MET B 115 17.35 -6.93 11.49
N SER B 116 17.31 -5.66 11.10
CA SER B 116 18.36 -5.07 10.26
C SER B 116 19.70 -4.92 11.00
N ALA B 117 19.65 -4.48 12.26
CA ALA B 117 20.86 -4.29 13.07
C ALA B 117 21.63 -5.58 13.33
N GLN B 118 22.96 -5.46 13.40
CA GLN B 118 23.83 -6.60 13.67
C GLN B 118 23.58 -7.14 15.08
N GLY B 119 23.57 -8.46 15.20
CA GLY B 119 23.36 -9.11 16.48
C GLY B 119 23.02 -10.58 16.40
N GLN B 120 23.14 -11.24 17.55
CA GLN B 120 22.57 -12.56 17.76
C GLN B 120 21.13 -12.30 18.17
N TYR B 121 20.19 -12.88 17.43
CA TYR B 121 18.77 -12.70 17.73
C TYR B 121 18.16 -13.95 18.34
N SER B 122 17.20 -13.76 19.25
CA SER B 122 16.37 -14.86 19.75
C SER B 122 14.96 -14.78 19.17
N ILE B 123 14.44 -15.92 18.72
CA ILE B 123 13.07 -15.97 18.20
C ILE B 123 12.25 -17.03 18.93
N ARG B 124 11.08 -16.61 19.39
CA ARG B 124 10.17 -17.49 20.10
C ARG B 124 8.73 -17.27 19.62
N TYR B 125 8.08 -18.33 19.18
CA TYR B 125 6.68 -18.26 18.80
C TYR B 125 5.82 -18.11 20.04
N GLN B 126 4.95 -17.11 20.04
CA GLN B 126 4.06 -16.83 21.17
C GLN B 126 2.62 -17.21 20.84
N SER B 142 6.06 -17.07 25.47
CA SER B 142 7.00 -18.17 25.70
C SER B 142 6.41 -19.53 25.32
N GLU B 143 5.65 -19.56 24.22
CA GLU B 143 4.93 -20.77 23.82
C GLU B 143 5.84 -21.83 23.19
N SER B 144 6.71 -21.44 22.27
CA SER B 144 7.71 -22.36 21.74
C SER B 144 9.07 -22.21 22.43
N ASN B 145 10.00 -23.10 22.06
CA ASN B 145 11.39 -22.94 22.42
C ASN B 145 11.97 -21.75 21.67
N ALA B 146 12.89 -21.05 22.33
CA ALA B 146 13.64 -19.98 21.67
C ALA B 146 14.68 -20.59 20.74
N ILE B 147 14.90 -19.95 19.60
CA ILE B 147 16.02 -20.29 18.74
C ILE B 147 16.98 -19.10 18.69
N THR B 148 18.26 -19.37 18.49
CA THR B 148 19.25 -18.29 18.33
C THR B 148 19.91 -18.35 16.98
N LEU B 149 20.11 -17.17 16.41
CA LEU B 149 20.75 -17.02 15.11
C LEU B 149 21.49 -15.71 15.08
N TRP B 150 22.59 -15.68 14.33
CA TRP B 150 23.36 -14.48 14.14
C TRP B 150 22.96 -13.82 12.82
N VAL B 151 22.62 -12.53 12.87
CA VAL B 151 22.49 -11.75 11.63
C VAL B 151 23.67 -10.81 11.49
N GLU B 152 24.34 -10.91 10.34
CA GLU B 152 25.44 -10.03 10.02
C GLU B 152 24.96 -8.58 9.99
N GLY B 153 23.72 -8.39 9.55
CA GLY B 153 23.08 -7.09 9.53
C GLY B 153 23.07 -6.47 8.16
N VAL B 154 22.08 -5.59 7.93
CA VAL B 154 22.01 -4.85 6.68
C VAL B 154 22.68 -3.48 6.87
N ASN B 155 23.37 -3.03 5.84
CA ASN B 155 24.09 -1.75 5.87
C ASN B 155 23.22 -0.63 6.43
N ASP B 156 23.63 -0.08 7.56
CA ASP B 156 22.86 0.98 8.22
C ASP B 156 23.32 2.36 7.77
N GLU B 157 22.88 3.38 8.49
CA GLU B 157 23.35 4.76 8.32
C GLU B 157 23.01 5.40 6.95
N ARG B 158 22.14 4.73 6.21
CA ARG B 158 21.19 5.39 5.32
C ARG B 158 19.84 5.34 6.07
N VAL B 159 19.87 4.91 7.32
CA VAL B 159 18.65 4.76 8.14
C VAL B 159 18.15 6.11 8.67
N GLY B 173 17.90 12.69 4.73
CA GLY B 173 17.85 11.61 3.73
C GLY B 173 17.96 10.24 4.37
N SER B 174 17.01 9.36 4.06
CA SER B 174 16.96 8.05 4.69
C SER B 174 16.32 6.97 3.84
N VAL B 175 16.50 5.70 4.24
CA VAL B 175 15.79 4.59 3.63
C VAL B 175 15.04 3.79 4.70
N SER B 176 13.72 3.70 4.54
N SER B 176 13.73 3.70 4.54
CA SER B 176 12.88 2.86 5.37
CA SER B 176 12.90 2.85 5.39
C SER B 176 12.29 1.75 4.52
C SER B 176 12.25 1.79 4.52
N PHE B 177 11.68 0.75 5.15
CA PHE B 177 11.11 -0.40 4.42
C PHE B 177 9.68 -0.74 4.87
N SER B 178 8.92 -1.34 3.95
CA SER B 178 7.61 -1.90 4.28
C SER B 178 7.29 -3.09 3.38
N GLY B 179 6.16 -3.75 3.63
CA GLY B 179 5.69 -4.85 2.80
C GLY B 179 6.52 -6.11 2.91
N ARG B 180 6.99 -6.39 4.12
CA ARG B 180 7.75 -7.60 4.44
C ARG B 180 9.05 -7.78 3.66
N CYS B 181 9.83 -6.70 3.55
CA CYS B 181 11.17 -6.80 2.98
C CYS B 181 12.05 -7.58 3.95
N THR B 182 12.60 -8.70 3.48
CA THR B 182 13.49 -9.52 4.28
C THR B 182 14.85 -8.83 4.40
N ASN B 183 15.71 -9.36 5.26
CA ASN B 183 17.07 -8.82 5.43
C ASN B 183 17.88 -8.85 4.12
N THR B 184 17.82 -9.97 3.41
CA THR B 184 18.48 -10.09 2.11
C THR B 184 17.98 -9.00 1.16
N GLN B 185 16.66 -8.87 1.05
CA GLN B 185 16.02 -7.89 0.19
C GLN B 185 16.43 -6.46 0.54
N LYS B 186 16.45 -6.14 1.83
CA LYS B 186 16.93 -4.86 2.32
C LYS B 186 18.36 -4.57 1.85
N SER B 187 19.26 -5.55 2.00
CA SER B 187 20.65 -5.38 1.57
C SER B 187 20.79 -5.28 0.07
N ASP B 188 20.03 -6.12 -0.66
CA ASP B 188 19.99 -6.05 -2.11
C ASP B 188 19.42 -4.72 -2.61
N LEU B 189 18.50 -4.14 -1.83
CA LEU B 189 17.94 -2.84 -2.16
C LEU B 189 18.92 -1.70 -1.99
N LEU B 190 19.60 -1.68 -0.84
CA LEU B 190 20.58 -0.64 -0.53
C LEU B 190 21.76 -0.66 -1.51
N THR B 191 22.18 -1.86 -1.90
CA THR B 191 23.17 -2.04 -2.96
C THR B 191 22.64 -1.40 -4.25
N ALA B 192 21.42 -1.79 -4.64
CA ALA B 192 20.79 -1.25 -5.86
C ALA B 192 20.67 0.26 -5.83
N LEU B 193 20.33 0.80 -4.66
CA LEU B 193 20.21 2.24 -4.48
C LEU B 193 21.54 2.98 -4.66
N ASP B 194 22.61 2.43 -4.09
CA ASP B 194 23.95 2.97 -4.28
C ASP B 194 24.35 2.94 -5.75
N ALA B 195 23.97 1.86 -6.44
CA ALA B 195 24.13 1.79 -7.88
C ALA B 195 23.27 2.85 -8.60
N ALA B 196 22.10 3.15 -8.05
CA ALA B 196 21.22 4.19 -8.61
C ALA B 196 21.81 5.59 -8.42
N SER B 197 22.46 5.80 -7.27
CA SER B 197 23.17 7.05 -6.98
C SER B 197 24.26 7.32 -8.01
N GLY B 198 25.12 6.32 -8.24
CA GLY B 198 26.22 6.41 -9.20
C GLY B 198 25.81 6.82 -10.60
N ILE B 199 24.87 6.08 -11.19
CA ILE B 199 24.37 6.44 -12.54
C ILE B 199 23.60 7.76 -12.60
N SER B 200 22.91 8.11 -11.51
CA SER B 200 22.21 9.40 -11.41
C SER B 200 23.19 10.56 -11.27
N ASN B 201 24.21 10.38 -10.43
CA ASN B 201 25.33 11.31 -10.33
C ASN B 201 26.02 11.50 -11.68
N ASN B 202 26.38 10.38 -12.31
CA ASN B 202 26.95 10.39 -13.65
C ASN B 202 26.07 11.14 -14.64
N ALA B 203 24.77 10.83 -14.64
CA ALA B 203 23.81 11.50 -15.51
C ALA B 203 23.71 13.00 -15.24
N SER B 204 23.77 13.38 -13.96
CA SER B 204 23.69 14.79 -13.58
C SER B 204 24.97 15.55 -13.89
N SER B 205 26.09 14.83 -13.86
CA SER B 205 27.38 15.43 -14.24
C SER B 205 27.42 15.71 -15.74
N TYR B 206 26.96 14.74 -16.53
CA TYR B 206 26.89 14.88 -17.99
C TYR B 206 26.03 16.09 -18.38
N LEU B 207 24.91 16.26 -17.70
CA LEU B 207 23.95 17.33 -18.02
C LEU B 207 24.37 18.72 -17.57
N ALA B 208 25.49 18.82 -16.85
CA ALA B 208 25.96 20.11 -16.35
C ALA B 208 26.42 21.03 -17.49
N VAL B 209 27.09 20.45 -18.48
CA VAL B 209 27.55 21.23 -19.64
C VAL B 209 26.93 20.76 -20.95
N ASP B 210 26.20 21.67 -21.59
CA ASP B 210 25.47 21.40 -22.83
C ASP B 210 26.39 20.92 -23.95
N LYS B 211 26.01 19.80 -24.56
CA LYS B 211 26.66 19.29 -25.75
C LYS B 211 25.58 19.05 -26.80
N PRO B 212 25.37 20.03 -27.70
CA PRO B 212 24.26 19.98 -28.65
C PRO B 212 24.31 18.77 -29.58
N ASP B 213 25.50 18.25 -29.86
CA ASP B 213 25.65 17.02 -30.65
C ASP B 213 25.97 15.80 -29.76
N GLY B 214 25.76 15.96 -28.46
CA GLY B 214 26.00 14.90 -27.49
C GLY B 214 25.19 13.66 -27.82
N GLN B 215 25.89 12.54 -28.03
CA GLN B 215 25.30 11.29 -28.48
C GLN B 215 24.35 10.65 -27.46
N ARG B 216 24.76 10.64 -26.20
CA ARG B 216 23.98 10.08 -25.12
C ARG B 216 22.66 10.83 -24.97
N TYR B 217 22.72 12.17 -24.96
CA TYR B 217 21.52 13.00 -24.88
C TYR B 217 20.56 12.75 -26.04
N ARG B 218 21.10 12.79 -27.26
CA ARG B 218 20.30 12.58 -28.47
C ARG B 218 19.56 11.24 -28.43
N SER B 219 20.25 10.19 -28.01
CA SER B 219 19.66 8.85 -27.94
C SER B 219 18.38 8.81 -27.11
N TRP B 220 18.36 9.51 -25.98
CA TRP B 220 17.24 9.36 -25.04
C TRP B 220 16.29 10.55 -24.99
N PHE B 221 16.79 11.76 -25.23
CA PHE B 221 15.95 12.95 -25.14
C PHE B 221 15.75 13.70 -26.47
N GLY B 222 16.38 13.21 -27.54
CA GLY B 222 16.20 13.77 -28.88
C GLY B 222 17.02 15.01 -29.19
N ALA B 223 16.55 15.81 -30.15
CA ALA B 223 17.29 16.97 -30.65
C ALA B 223 17.46 18.04 -29.58
N TYR B 224 18.61 18.72 -29.63
CA TYR B 224 18.99 19.71 -28.64
C TYR B 224 18.34 21.08 -28.82
N SER B 225 17.86 21.62 -27.69
CA SER B 225 17.69 23.07 -27.52
C SER B 225 18.06 23.35 -26.06
N SER B 226 18.35 24.61 -25.73
CA SER B 226 18.78 24.88 -24.36
C SER B 226 17.64 24.72 -23.35
N ALA B 227 16.41 24.96 -23.79
CA ALA B 227 15.22 24.77 -22.95
C ALA B 227 14.93 23.29 -22.67
N ARG B 228 15.17 22.45 -23.67
CA ARG B 228 14.99 21.00 -23.53
C ARG B 228 16.06 20.39 -22.63
N TRP B 229 17.30 20.79 -22.85
CA TRP B 229 18.42 20.33 -22.04
C TRP B 229 18.21 20.67 -20.56
N ASP B 230 17.81 21.91 -20.29
CA ASP B 230 17.52 22.39 -18.94
C ASP B 230 16.46 21.53 -18.25
N GLN B 231 15.44 21.12 -19.00
CA GLN B 231 14.39 20.27 -18.44
C GLN B 231 14.98 18.95 -17.93
N ALA B 232 15.82 18.32 -18.76
CA ALA B 232 16.50 17.09 -18.41
C ALA B 232 17.44 17.27 -17.21
N GLU B 233 18.17 18.38 -17.21
CA GLU B 233 19.07 18.70 -16.10
C GLU B 233 18.30 18.88 -14.79
N THR B 234 17.22 19.66 -14.84
CA THR B 234 16.31 19.85 -13.70
C THR B 234 15.78 18.49 -13.20
N ASN B 235 15.19 17.71 -14.09
CA ASN B 235 14.66 16.38 -13.76
C ASN B 235 15.66 15.48 -13.06
N PHE B 236 16.90 15.47 -13.55
CA PHE B 236 17.95 14.68 -12.93
C PHE B 236 18.53 15.27 -11.64
N SER B 237 18.57 16.60 -11.54
CA SER B 237 18.96 17.23 -10.29
C SER B 237 18.05 16.79 -9.13
N LYS B 238 16.76 16.64 -9.42
CA LYS B 238 15.77 16.25 -8.41
C LYS B 238 15.72 14.74 -8.16
N ILE B 239 16.07 13.92 -9.16
CA ILE B 239 16.19 12.48 -8.97
C ILE B 239 17.38 12.22 -8.05
N LYS B 240 18.49 12.88 -8.35
CA LYS B 240 19.69 12.86 -7.53
C LYS B 240 19.39 13.30 -6.10
N ASP B 241 18.61 14.37 -5.97
CA ASP B 241 18.23 14.86 -4.65
C ASP B 241 17.41 13.84 -3.84
N ALA B 242 16.50 13.14 -4.51
CA ALA B 242 15.68 12.14 -3.83
C ALA B 242 16.58 11.06 -3.22
N ILE B 243 17.49 10.52 -4.06
CA ILE B 243 18.44 9.48 -3.66
C ILE B 243 19.32 9.95 -2.50
N ASP B 244 19.78 11.19 -2.58
CA ASP B 244 20.70 11.75 -1.60
C ASP B 244 20.03 12.21 -0.30
N ASN B 245 18.92 12.92 -0.42
CA ASN B 245 18.44 13.78 0.67
C ASN B 245 16.98 13.66 1.09
N LYS B 246 16.26 12.70 0.50
CA LYS B 246 14.84 12.56 0.79
C LYS B 246 14.54 11.24 1.51
N PRO B 247 13.45 11.20 2.31
CA PRO B 247 13.06 9.98 3.03
C PRO B 247 12.43 8.94 2.10
N LEU B 248 13.19 7.92 1.75
CA LEU B 248 12.78 6.91 0.79
C LEU B 248 12.16 5.70 1.48
N THR B 249 11.15 5.12 0.84
CA THR B 249 10.55 3.90 1.33
C THR B 249 10.46 2.88 0.22
N PHE B 250 11.00 1.70 0.48
CA PHE B 250 10.89 0.61 -0.46
C PHE B 250 10.00 -0.48 0.11
N ASP B 251 9.07 -0.96 -0.72
CA ASP B 251 8.07 -1.91 -0.29
C ASP B 251 8.19 -3.18 -1.10
N CYS B 252 8.18 -4.33 -0.41
CA CYS B 252 8.44 -5.61 -1.06
C CYS B 252 7.24 -6.54 -1.24
N SER B 253 6.03 -6.02 -1.03
CA SER B 253 4.80 -6.85 -1.09
C SER B 253 4.32 -7.18 -2.50
N CYS B 254 4.70 -6.36 -3.47
CA CYS B 254 4.23 -6.54 -4.84
C CYS B 254 4.64 -7.88 -5.43
N LYS B 255 3.65 -8.67 -5.81
CA LYS B 255 3.88 -10.00 -6.37
C LYS B 255 3.53 -10.06 -7.86
N GLN B 256 3.40 -8.90 -8.49
CA GLN B 256 3.05 -8.83 -9.91
C GLN B 256 4.30 -9.03 -10.76
N SER B 257 4.12 -9.46 -12.01
CA SER B 257 5.25 -9.87 -12.87
C SER B 257 6.16 -8.74 -13.30
N TYR B 258 5.71 -7.50 -13.17
CA TYR B 258 6.51 -6.36 -13.66
C TYR B 258 7.56 -5.89 -12.65
N PHE B 259 8.18 -4.74 -12.94
CA PHE B 259 9.32 -4.26 -12.19
C PHE B 259 8.93 -3.58 -10.89
N ALA B 260 8.05 -2.58 -10.99
CA ALA B 260 7.77 -1.68 -9.88
C ALA B 260 6.57 -0.81 -10.15
N TYR B 261 6.02 -0.23 -9.09
CA TYR B 261 5.07 0.85 -9.24
C TYR B 261 5.21 1.89 -8.16
N VAL B 262 4.62 3.05 -8.41
CA VAL B 262 4.57 4.14 -7.45
C VAL B 262 3.22 4.86 -7.59
N TYR B 263 2.86 5.64 -6.57
CA TYR B 263 1.75 6.57 -6.70
C TYR B 263 2.32 8.00 -6.77
N PRO B 264 2.12 8.68 -7.91
CA PRO B 264 2.83 9.93 -8.19
C PRO B 264 2.72 10.98 -7.08
N ASP B 265 1.62 10.99 -6.33
CA ASP B 265 1.45 11.99 -5.30
C ASP B 265 1.63 11.42 -3.90
N GLN B 266 2.31 10.28 -3.81
CA GLN B 266 2.70 9.70 -2.54
C GLN B 266 4.20 9.42 -2.52
N PRO B 267 5.02 10.50 -2.47
CA PRO B 267 6.47 10.34 -2.32
C PRO B 267 6.83 9.94 -0.89
N TYR B 268 7.93 9.22 -0.70
CA TYR B 268 8.79 8.74 -1.78
C TYR B 268 8.80 7.23 -1.75
N LYS B 269 7.64 6.64 -2.03
CA LYS B 269 7.44 5.20 -1.79
C LYS B 269 7.44 4.39 -3.07
N VAL B 270 8.40 3.48 -3.18
CA VAL B 270 8.57 2.68 -4.39
C VAL B 270 8.22 1.23 -4.09
N TYR B 271 7.23 0.71 -4.81
CA TYR B 271 6.76 -0.65 -4.61
C TYR B 271 7.46 -1.56 -5.58
N LEU B 272 8.26 -2.48 -5.04
CA LEU B 272 9.08 -3.35 -5.88
C LEU B 272 8.35 -4.65 -6.18
N CYS B 273 8.51 -5.13 -7.41
CA CYS B 273 7.77 -6.29 -7.90
C CYS B 273 8.73 -7.37 -8.41
N LYS B 274 8.19 -8.46 -8.94
CA LYS B 274 8.98 -9.64 -9.35
C LYS B 274 10.14 -9.35 -10.29
N SER B 275 9.92 -8.51 -11.29
CA SER B 275 10.94 -8.23 -12.30
C SER B 275 12.12 -7.37 -11.80
N PHE B 276 11.94 -6.74 -10.65
CA PHE B 276 13.03 -6.03 -9.99
C PHE B 276 14.03 -7.07 -9.48
N TRP B 277 13.50 -8.12 -8.84
CA TRP B 277 14.34 -9.16 -8.24
C TRP B 277 14.99 -10.06 -9.28
N THR B 278 14.39 -10.14 -10.46
CA THR B 278 14.98 -10.88 -11.57
C THR B 278 15.98 -10.00 -12.32
N ALA B 279 15.87 -8.68 -12.16
CA ALA B 279 16.74 -7.74 -12.87
C ALA B 279 18.14 -7.71 -12.28
N PRO B 280 19.16 -7.59 -13.14
CA PRO B 280 20.52 -7.43 -12.63
C PRO B 280 20.63 -6.16 -11.81
N VAL B 281 21.66 -6.06 -10.97
CA VAL B 281 21.88 -4.86 -10.16
C VAL B 281 22.01 -3.63 -11.04
N THR B 282 22.92 -3.69 -12.01
CA THR B 282 23.21 -2.58 -12.91
C THR B 282 23.09 -3.03 -14.37
N GLY B 283 23.12 -2.07 -15.28
CA GLY B 283 22.92 -2.34 -16.70
C GLY B 283 21.51 -2.04 -17.18
N SER B 284 21.17 -2.58 -18.34
CA SER B 284 19.89 -2.35 -19.00
C SER B 284 18.72 -2.90 -18.18
N ASP B 285 17.67 -2.10 -18.05
CA ASP B 285 16.50 -2.43 -17.21
C ASP B 285 16.96 -3.05 -15.89
N SER B 286 17.89 -2.35 -15.24
CA SER B 286 18.51 -2.88 -14.04
C SER B 286 17.68 -2.54 -12.81
N ARG B 287 18.19 -2.95 -11.65
CA ARG B 287 17.62 -2.53 -10.38
C ARG B 287 17.91 -1.06 -10.12
N ALA B 288 19.11 -0.61 -10.51
CA ALA B 288 19.52 0.79 -10.35
C ALA B 288 18.65 1.71 -11.18
N GLY B 289 18.46 1.36 -12.46
CA GLY B 289 17.63 2.15 -13.37
C GLY B 289 16.15 2.16 -13.06
N THR B 290 15.63 1.04 -12.55
CA THR B 290 14.25 0.95 -12.05
C THR B 290 14.01 2.01 -10.97
N ILE B 291 14.93 2.11 -10.02
CA ILE B 291 14.87 3.13 -8.97
C ILE B 291 14.85 4.54 -9.57
N VAL B 292 15.66 4.76 -10.61
CA VAL B 292 15.67 6.04 -11.34
C VAL B 292 14.32 6.30 -12.00
N HIS B 293 13.84 5.32 -12.76
CA HIS B 293 12.54 5.35 -13.40
C HIS B 293 11.40 5.72 -12.40
N ALA B 294 11.30 4.94 -11.32
CA ALA B 294 10.24 5.15 -10.31
C ALA B 294 10.29 6.52 -9.64
N LEU B 295 11.47 6.96 -9.20
CA LEU B 295 11.59 8.25 -8.50
C LEU B 295 11.15 9.41 -9.37
N SER B 296 11.51 9.33 -10.66
CA SER B 296 11.16 10.35 -11.65
C SER B 296 9.65 10.61 -11.75
N HIS B 297 8.84 9.58 -11.49
CA HIS B 297 7.38 9.70 -11.55
C HIS B 297 6.76 10.67 -10.56
N PHE B 298 7.35 10.79 -9.37
CA PHE B 298 6.74 11.59 -8.32
C PHE B 298 6.65 13.04 -8.77
N ASN B 299 5.47 13.63 -8.59
CA ASN B 299 5.19 15.00 -8.99
C ASN B 299 6.13 16.00 -8.36
N VAL B 300 6.73 15.59 -7.25
CA VAL B 300 7.64 16.41 -6.48
C VAL B 300 9.09 16.20 -6.94
N VAL B 301 9.31 15.12 -7.69
CA VAL B 301 10.61 14.89 -8.31
C VAL B 301 10.52 15.45 -9.73
N ALA B 302 10.09 14.65 -10.69
CA ALA B 302 10.07 15.10 -12.09
C ALA B 302 8.70 15.06 -12.78
N GLY B 303 7.74 14.37 -12.17
CA GLY B 303 6.39 14.28 -12.72
C GLY B 303 6.28 13.55 -14.05
N THR B 304 7.24 12.68 -14.35
CA THR B 304 7.24 11.93 -15.62
C THR B 304 6.09 10.94 -15.68
N ASP B 305 5.64 10.65 -16.90
CA ASP B 305 4.60 9.66 -17.12
C ASP B 305 5.22 8.38 -17.62
N ASP B 306 4.37 7.38 -17.85
CA ASP B 306 4.80 6.15 -18.50
C ASP B 306 4.13 6.10 -19.87
N LEU B 307 4.81 6.67 -20.85
CA LEU B 307 4.28 6.83 -22.20
C LEU B 307 4.67 5.66 -23.08
N GLY B 308 5.91 5.21 -22.95
CA GLY B 308 6.41 4.03 -23.65
C GLY B 308 7.42 3.26 -22.83
N TYR B 309 7.43 1.94 -23.03
CA TYR B 309 8.33 1.07 -22.28
C TYR B 309 9.32 0.38 -23.18
N GLY B 310 10.56 0.28 -22.71
CA GLY B 310 11.61 -0.41 -23.44
C GLY B 310 12.44 0.57 -24.23
N GLN B 311 13.61 0.11 -24.67
CA GLN B 311 14.62 0.98 -25.30
C GLN B 311 14.29 1.42 -26.71
N ALA B 312 13.76 0.51 -27.53
CA ALA B 312 13.36 0.85 -28.89
C ALA B 312 12.23 1.89 -28.89
N ASN B 313 11.24 1.66 -28.03
CA ASN B 313 10.14 2.59 -27.83
C ASN B 313 10.59 3.92 -27.22
N ALA B 314 11.63 3.87 -26.38
CA ALA B 314 12.19 5.09 -25.78
C ALA B 314 13.01 5.90 -26.78
N ARG B 315 13.73 5.21 -27.66
CA ARG B 315 14.47 5.86 -28.74
C ARG B 315 13.52 6.52 -29.75
N ASN B 316 12.50 5.75 -30.17
CA ASN B 316 11.48 6.24 -31.11
C ASN B 316 10.79 7.51 -30.63
N LEU B 317 10.50 7.57 -29.33
CA LEU B 317 9.88 8.74 -28.72
C LEU B 317 10.81 9.95 -28.75
N ALA B 318 12.10 9.71 -28.55
CA ALA B 318 13.12 10.76 -28.54
C ALA B 318 13.24 11.42 -29.91
N LYS B 319 13.26 10.60 -30.96
CA LYS B 319 13.40 11.08 -32.33
C LYS B 319 12.30 12.07 -32.70
N THR B 320 11.05 11.67 -32.50
CA THR B 320 9.92 12.42 -33.02
C THR B 320 9.30 13.44 -32.06
N ASP B 321 9.32 13.14 -30.76
CA ASP B 321 8.65 13.96 -29.75
C ASP B 321 9.52 14.17 -28.51
N PRO B 322 10.60 14.97 -28.64
CA PRO B 322 11.60 15.18 -27.59
C PRO B 322 11.04 15.61 -26.25
N VAL B 323 10.06 16.50 -26.27
CA VAL B 323 9.47 17.02 -25.03
C VAL B 323 8.71 15.92 -24.25
N LYS B 324 8.06 15.01 -24.98
CA LYS B 324 7.44 13.84 -24.36
C LYS B 324 8.49 12.85 -23.81
N ALA B 325 9.61 12.74 -24.52
CA ALA B 325 10.73 11.93 -24.05
C ALA B 325 11.25 12.50 -22.73
N LEU B 326 11.40 13.82 -22.69
CA LEU B 326 11.79 14.55 -21.47
C LEU B 326 10.74 14.46 -20.36
N ASN B 327 9.70 13.66 -20.59
CA ASN B 327 8.72 13.39 -19.55
C ASN B 327 8.30 11.91 -19.53
N ASN B 328 9.18 11.05 -20.05
CA ASN B 328 8.96 9.60 -19.96
C ASN B 328 10.00 8.97 -19.04
N ALA B 329 9.50 8.18 -18.10
CA ALA B 329 10.31 7.56 -17.06
C ALA B 329 11.43 6.69 -17.62
N ASP B 330 11.11 5.78 -18.54
CA ASP B 330 12.11 4.91 -19.17
C ASP B 330 13.23 5.68 -19.85
N ASN B 331 12.87 6.76 -20.57
CA ASN B 331 13.87 7.65 -21.19
C ASN B 331 14.90 8.20 -20.21
N HIS B 332 14.44 8.56 -19.01
CA HIS B 332 15.33 9.02 -17.95
C HIS B 332 16.18 7.88 -17.44
N GLU B 333 15.55 6.71 -17.27
CA GLU B 333 16.24 5.51 -16.83
C GLU B 333 17.36 5.13 -17.80
N TYR B 334 17.08 5.18 -19.10
CA TYR B 334 18.05 4.71 -20.09
C TYR B 334 19.19 5.70 -20.30
N PHE B 335 18.88 6.98 -20.18
CA PHE B 335 19.91 8.01 -20.13
C PHE B 335 20.91 7.69 -19.03
N ALA B 336 20.38 7.32 -17.87
CA ALA B 336 21.19 7.06 -16.69
C ALA B 336 21.97 5.75 -16.78
N GLU B 337 21.27 4.68 -17.15
CA GLU B 337 21.90 3.37 -17.32
C GLU B 337 22.97 3.43 -18.41
N ASN B 338 22.67 4.18 -19.46
CA ASN B 338 23.61 4.44 -20.56
C ASN B 338 24.30 3.15 -21.03
N THR B 339 23.50 2.14 -21.35
CA THR B 339 24.01 0.78 -21.62
C THR B 339 23.66 0.35 -23.04
N PRO B 340 24.66 0.40 -23.96
CA PRO B 340 24.50 -0.01 -25.36
C PRO B 340 23.74 -1.33 -25.54
ZN ZN C . -6.84 -4.28 14.28
ZN ZN D . 6.83 3.93 -14.42
#